data_2H6E
#
_entry.id   2H6E
#
_cell.length_a   84.019
_cell.length_b   84.019
_cell.length_c   194.979
_cell.angle_alpha   90.00
_cell.angle_beta   90.00
_cell.angle_gamma   90.00
#
_symmetry.space_group_name_H-M   'I 41 2 2'
#
loop_
_entity.id
_entity.type
_entity.pdbx_description
1 polymer 'D-arabinose 1-dehydrogenase'
2 non-polymer 'ZINC ION'
3 water water
#
_entity_poly.entity_id   1
_entity_poly.type   'polypeptide(L)'
_entity_poly.pdbx_seq_one_letter_code
;MVKSKAALLKKFSEPLSIEDVNIPEPQGEEVLIRIGGAGVCRTDLRVWKGVEAKQGFRLPIILGHENAGTIVEVGELAKV
KKGDNVVVYATWGDLTCRYCREGKFNICKNQIIPGQTTNGGFSEYMLVKSSRWLVKLNSLSPVEAAPLADAGTTSMGAIR
QALPFISKFAEPVVIVNGIGGLAVYTIQILKALMKNITIVGISRSKKHRDFALELGADYVSEMKDAESLINKLTDGLGAS
IAIDLVGTEETTYNLGKLLAQEGAIILVGMEGKRVSLEAFDTAVWNKKLLGSNYGSLNDLEDVVRLSESGKIKPYIIKVP
LDDINKAFTNLDEGRVDGRQVITP
;
_entity_poly.pdbx_strand_id   A
#
# COMPACT_ATOMS: atom_id res chain seq x y z
N MET A 1 -31.39 6.83 -6.99
CA MET A 1 -30.17 7.55 -6.55
C MET A 1 -30.22 7.79 -5.04
N VAL A 2 -29.08 7.55 -4.37
CA VAL A 2 -29.01 7.49 -2.91
C VAL A 2 -28.27 8.67 -2.32
N LYS A 3 -28.87 9.28 -1.29
CA LYS A 3 -28.23 10.41 -0.60
C LYS A 3 -27.12 9.91 0.32
N SER A 4 -26.07 10.70 0.44
CA SER A 4 -24.88 10.32 1.20
C SER A 4 -24.09 11.54 1.65
N LYS A 5 -23.64 11.52 2.91
CA LYS A 5 -22.79 12.55 3.47
C LYS A 5 -21.32 12.25 3.14
N ALA A 6 -20.65 13.17 2.47
CA ALA A 6 -19.24 13.01 2.12
C ALA A 6 -18.41 14.25 2.44
N ALA A 7 -17.10 14.10 2.29
CA ALA A 7 -16.17 15.22 2.35
C ALA A 7 -15.63 15.46 0.94
N LEU A 8 -15.86 16.67 0.41
CA LEU A 8 -15.50 17.01 -0.97
C LEU A 8 -14.20 17.79 -1.04
N LEU A 9 -13.38 17.45 -2.04
CA LEU A 9 -12.26 18.29 -2.42
C LEU A 9 -12.77 19.19 -3.53
N LYS A 10 -12.83 20.49 -3.26
CA LYS A 10 -13.40 21.47 -4.21
C LYS A 10 -12.34 22.44 -4.72
N LYS A 11 -11.51 22.91 -3.80
CA LYS A 11 -10.33 23.72 -4.12
C LYS A 11 -9.15 23.11 -3.38
N PHE A 12 -7.93 23.34 -3.85
CA PHE A 12 -6.75 22.69 -3.27
C PHE A 12 -6.37 23.16 -1.85
N SER A 13 -7.34 23.61 -1.05
CA SER A 13 -7.09 23.90 0.36
C SER A 13 -8.39 23.98 1.17
N GLU A 19 -20.70 18.49 2.52
CA GLU A 19 -21.74 17.77 3.23
C GLU A 19 -22.36 16.63 2.41
N ASP A 20 -23.55 16.87 1.86
CA ASP A 20 -24.45 15.79 1.45
C ASP A 20 -24.55 15.63 -0.08
N VAL A 21 -24.00 14.52 -0.60
CA VAL A 21 -24.01 14.24 -2.05
C VAL A 21 -24.96 13.11 -2.45
N ASN A 22 -25.17 12.97 -3.76
CA ASN A 22 -26.04 11.93 -4.33
C ASN A 22 -25.24 10.87 -5.09
N ILE A 23 -25.65 9.61 -4.95
CA ILE A 23 -24.90 8.46 -5.48
C ILE A 23 -25.78 7.55 -6.36
N PRO A 24 -25.40 7.35 -7.64
CA PRO A 24 -26.24 6.55 -8.54
C PRO A 24 -26.47 5.10 -8.10
N GLU A 25 -27.61 4.54 -8.50
CA GLU A 25 -27.93 3.17 -8.17
C GLU A 25 -27.19 2.26 -9.14
N PRO A 26 -26.72 1.10 -8.63
CA PRO A 26 -25.93 0.19 -9.44
C PRO A 26 -26.69 -0.52 -10.56
N GLN A 27 -26.02 -0.67 -11.70
CA GLN A 27 -26.53 -1.36 -12.87
C GLN A 27 -25.51 -2.38 -13.35
N GLY A 28 -25.96 -3.42 -14.05
CA GLY A 28 -25.02 -4.38 -14.63
C GLY A 28 -24.23 -5.03 -13.50
N GLU A 29 -22.91 -4.98 -13.58
CA GLU A 29 -22.04 -5.61 -12.56
C GLU A 29 -21.76 -4.73 -11.34
N GLU A 30 -22.27 -3.50 -11.34
CA GLU A 30 -21.99 -2.54 -10.27
C GLU A 30 -22.57 -2.95 -8.94
N VAL A 31 -21.94 -2.47 -7.87
CA VAL A 31 -22.34 -2.74 -6.51
C VAL A 31 -22.28 -1.44 -5.72
N LEU A 32 -23.26 -1.22 -4.85
CA LEU A 32 -23.25 -0.07 -3.95
C LEU A 32 -22.88 -0.60 -2.58
N ILE A 33 -21.90 0.02 -1.93
CA ILE A 33 -21.55 -0.35 -0.58
C ILE A 33 -21.75 0.81 0.40
N ARG A 34 -22.04 0.43 1.64
CA ARG A 34 -22.04 1.30 2.81
C ARG A 34 -20.64 1.29 3.39
N ILE A 35 -19.92 2.42 3.31
CA ILE A 35 -18.54 2.47 3.80
C ILE A 35 -18.51 2.20 5.30
N GLY A 36 -17.69 1.23 5.71
CA GLY A 36 -17.38 0.98 7.12
C GLY A 36 -16.09 1.69 7.54
N GLY A 37 -15.14 1.76 6.62
CA GLY A 37 -13.85 2.40 6.86
C GLY A 37 -13.28 2.95 5.57
N ALA A 38 -12.77 4.17 5.63
CA ALA A 38 -12.03 4.76 4.52
C ALA A 38 -10.70 5.33 5.03
N GLY A 39 -9.60 4.65 4.76
CA GLY A 39 -8.28 5.06 5.26
C GLY A 39 -7.77 6.36 4.66
N VAL A 40 -6.89 7.04 5.40
CA VAL A 40 -6.30 8.33 4.99
C VAL A 40 -4.81 8.15 4.63
N CYS A 41 -4.46 8.41 3.37
CA CYS A 41 -3.11 8.15 2.84
C CYS A 41 -2.32 9.42 2.60
N ARG A 42 -0.99 9.28 2.59
CA ARG A 42 -0.12 10.35 2.09
C ARG A 42 -0.46 10.71 0.64
N THR A 43 -0.97 9.76 -0.13
CA THR A 43 -1.46 10.04 -1.48
C THR A 43 -2.64 11.03 -1.50
N ASP A 44 -3.55 10.93 -0.52
CA ASP A 44 -4.67 11.88 -0.42
C ASP A 44 -4.17 13.29 -0.21
N LEU A 45 -3.10 13.44 0.56
CA LEU A 45 -2.52 14.74 0.86
C LEU A 45 -1.80 15.33 -0.35
N ARG A 46 -1.25 14.48 -1.20
CA ARG A 46 -0.61 14.96 -2.43
C ARG A 46 -1.67 15.42 -3.44
N VAL A 47 -2.80 14.74 -3.47
CA VAL A 47 -3.92 15.13 -4.34
C VAL A 47 -4.56 16.37 -3.73
N TRP A 48 -4.84 16.32 -2.43
CA TRP A 48 -5.36 17.48 -1.68
C TRP A 48 -4.57 18.76 -1.95
N LYS A 49 -3.24 18.64 -1.99
CA LYS A 49 -2.35 19.77 -2.26
C LYS A 49 -2.13 20.03 -3.76
N GLY A 50 -2.77 19.24 -4.62
CA GLY A 50 -2.65 19.43 -6.07
C GLY A 50 -1.23 19.30 -6.57
N VAL A 51 -0.53 18.28 -6.08
CA VAL A 51 0.81 17.95 -6.56
C VAL A 51 0.80 16.60 -7.26
N GLU A 52 -0.37 15.96 -7.31
CA GLU A 52 -0.53 14.67 -7.96
C GLU A 52 -1.95 14.53 -8.53
N ALA A 53 -2.02 14.21 -9.82
CA ALA A 53 -3.29 14.04 -10.52
C ALA A 53 -3.14 12.98 -11.62
N LYS A 54 -3.72 11.81 -11.38
CA LYS A 54 -3.70 10.72 -12.36
C LYS A 54 -4.76 10.96 -13.44
N GLN A 55 -4.67 10.20 -14.53
CA GLN A 55 -5.55 10.39 -15.68
C GLN A 55 -7.01 10.30 -15.24
N GLY A 56 -7.85 11.24 -15.69
CA GLY A 56 -9.28 11.21 -15.36
C GLY A 56 -9.63 12.00 -14.12
N PHE A 57 -8.62 12.37 -13.33
CA PHE A 57 -8.84 13.22 -12.18
C PHE A 57 -9.47 14.55 -12.60
N ARG A 58 -10.43 15.01 -11.81
CA ARG A 58 -11.13 16.26 -12.08
C ARG A 58 -11.84 16.68 -10.82
N LEU A 59 -12.10 17.97 -10.67
CA LEU A 59 -12.81 18.49 -9.51
C LEU A 59 -14.32 18.58 -9.78
N PRO A 60 -15.11 18.63 -8.71
CA PRO A 60 -14.65 18.16 -7.41
C PRO A 60 -14.55 16.64 -7.34
N ILE A 61 -14.28 16.11 -6.16
CA ILE A 61 -14.10 14.67 -5.99
C ILE A 61 -14.10 14.32 -4.50
N ILE A 62 -14.69 13.17 -4.18
CA ILE A 62 -14.60 12.62 -2.85
C ILE A 62 -13.33 11.80 -2.85
N LEU A 63 -12.39 12.14 -1.97
CA LEU A 63 -11.14 11.39 -1.86
C LEU A 63 -11.38 10.09 -1.11
N GLY A 64 -10.32 9.32 -0.91
CA GLY A 64 -10.37 8.13 -0.11
C GLY A 64 -10.39 6.93 -1.02
N HIS A 65 -9.24 6.29 -1.14
CA HIS A 65 -9.02 5.16 -2.03
C HIS A 65 -8.72 3.86 -1.26
N GLU A 66 -8.97 3.88 0.06
CA GLU A 66 -8.55 2.79 0.94
C GLU A 66 -9.79 2.33 1.69
N ASN A 67 -10.61 1.52 1.02
CA ASN A 67 -12.02 1.35 1.44
C ASN A 67 -12.50 -0.07 1.74
N ALA A 68 -13.29 -0.19 2.80
CA ALA A 68 -14.05 -1.39 3.14
C ALA A 68 -15.47 -1.00 3.60
N GLY A 69 -16.38 -1.95 3.48
CA GLY A 69 -17.75 -1.74 3.92
C GLY A 69 -18.64 -2.93 3.63
N THR A 70 -19.95 -2.66 3.59
CA THR A 70 -20.99 -3.67 3.44
C THR A 70 -21.79 -3.48 2.14
N ILE A 71 -22.02 -4.59 1.44
CA ILE A 71 -22.82 -4.58 0.23
C ILE A 71 -24.27 -4.31 0.61
N VAL A 72 -24.85 -3.28 0.00
CA VAL A 72 -26.25 -2.88 0.25
C VAL A 72 -27.16 -2.95 -0.97
N GLU A 73 -26.62 -2.72 -2.18
CA GLU A 73 -27.40 -2.85 -3.42
C GLU A 73 -26.53 -3.39 -4.55
N VAL A 74 -27.16 -4.06 -5.50
CA VAL A 74 -26.44 -4.71 -6.59
C VAL A 74 -27.14 -4.51 -7.92
N GLY A 75 -26.36 -4.38 -8.98
CA GLY A 75 -26.91 -4.55 -10.32
C GLY A 75 -27.26 -6.01 -10.61
N GLU A 76 -27.99 -6.24 -11.70
CA GLU A 76 -28.51 -7.59 -12.00
C GLU A 76 -27.42 -8.58 -12.35
N LEU A 77 -26.23 -8.09 -12.71
CA LEU A 77 -25.12 -8.98 -13.06
C LEU A 77 -24.01 -9.04 -12.02
N ALA A 78 -24.21 -8.45 -10.85
CA ALA A 78 -23.11 -8.35 -9.86
C ALA A 78 -22.70 -9.71 -9.24
N LYS A 79 -23.63 -10.64 -9.13
CA LYS A 79 -23.35 -11.99 -8.59
C LYS A 79 -22.67 -11.92 -7.22
N VAL A 80 -23.22 -11.11 -6.32
CA VAL A 80 -22.69 -11.00 -4.95
C VAL A 80 -23.86 -10.89 -3.97
N LYS A 81 -23.55 -11.09 -2.70
CA LYS A 81 -24.57 -11.26 -1.67
C LYS A 81 -24.68 -9.98 -0.86
N LYS A 82 -25.85 -9.34 -0.89
CA LYS A 82 -26.12 -8.22 -0.02
C LYS A 82 -25.90 -8.63 1.45
N GLY A 83 -25.25 -7.77 2.22
CA GLY A 83 -24.96 -8.05 3.61
C GLY A 83 -23.54 -8.49 3.84
N ASP A 84 -22.83 -8.91 2.79
CA ASP A 84 -21.44 -9.34 2.89
C ASP A 84 -20.54 -8.12 3.13
N ASN A 85 -19.51 -8.30 3.95
CA ASN A 85 -18.49 -7.29 4.15
C ASN A 85 -17.36 -7.54 3.16
N VAL A 86 -16.86 -6.46 2.59
CA VAL A 86 -15.88 -6.53 1.54
C VAL A 86 -14.83 -5.41 1.68
N VAL A 87 -13.66 -5.67 1.12
CA VAL A 87 -12.65 -4.63 0.92
C VAL A 87 -12.55 -4.33 -0.57
N VAL A 88 -12.36 -3.06 -0.90
CA VAL A 88 -12.41 -2.64 -2.30
C VAL A 88 -11.00 -2.50 -2.87
N TYR A 89 -10.70 -3.32 -3.87
CA TYR A 89 -9.50 -3.19 -4.65
C TYR A 89 -9.55 -1.84 -5.40
N ALA A 90 -8.48 -1.06 -5.33
CA ALA A 90 -8.58 0.34 -5.68
C ALA A 90 -8.26 0.71 -7.12
N THR A 91 -7.65 -0.19 -7.88
CA THR A 91 -7.16 0.17 -9.20
C THR A 91 -7.94 -0.61 -10.23
N TRP A 92 -9.00 0.02 -10.73
CA TRP A 92 -9.93 -0.60 -11.65
C TRP A 92 -9.41 -0.45 -13.09
N GLY A 93 -8.76 -1.48 -13.57
CA GLY A 93 -8.21 -1.49 -14.93
C GLY A 93 -9.26 -1.50 -16.01
N ASP A 94 -8.84 -1.14 -17.24
CA ASP A 94 -9.74 -1.08 -18.39
C ASP A 94 -10.10 -2.46 -18.97
N LEU A 95 -9.42 -3.50 -18.46
CA LEU A 95 -9.64 -4.89 -18.75
C LEU A 95 -9.15 -5.33 -20.14
N THR A 96 -8.69 -4.38 -20.95
CA THR A 96 -8.47 -4.62 -22.36
C THR A 96 -6.99 -4.72 -22.68
N CYS A 97 -6.17 -4.01 -21.91
CA CYS A 97 -4.78 -3.82 -22.26
C CYS A 97 -3.97 -5.05 -21.89
N ARG A 98 -2.73 -5.10 -22.36
N ARG A 98 -2.74 -5.11 -22.38
CA ARG A 98 -1.92 -6.29 -22.10
CA ARG A 98 -1.88 -6.27 -22.08
C ARG A 98 -1.51 -6.46 -20.64
C ARG A 98 -1.72 -6.49 -20.59
N TYR A 99 -1.58 -5.40 -19.84
CA TYR A 99 -1.32 -5.49 -18.41
C TYR A 99 -2.52 -6.07 -17.68
N CYS A 100 -3.72 -5.59 -18.01
CA CYS A 100 -4.93 -6.15 -17.42
C CYS A 100 -5.11 -7.63 -17.78
N ARG A 101 -4.67 -8.02 -18.98
CA ARG A 101 -4.73 -9.42 -19.41
C ARG A 101 -3.78 -10.36 -18.66
N GLU A 102 -2.97 -9.79 -17.77
CA GLU A 102 -2.13 -10.54 -16.85
C GLU A 102 -2.47 -10.22 -15.39
N GLY A 103 -3.63 -9.61 -15.20
CA GLY A 103 -4.12 -9.24 -13.85
C GLY A 103 -3.37 -8.07 -13.23
N LYS A 104 -2.60 -7.35 -14.06
CA LYS A 104 -1.77 -6.23 -13.58
C LYS A 104 -2.56 -4.92 -13.69
N PHE A 105 -3.76 -4.96 -13.10
CA PHE A 105 -4.69 -3.81 -13.13
C PHE A 105 -4.05 -2.56 -12.53
N ASN A 106 -3.15 -2.80 -11.59
CA ASN A 106 -2.48 -1.74 -10.85
C ASN A 106 -1.55 -0.86 -11.71
N ILE A 107 -1.16 -1.37 -12.88
CA ILE A 107 -0.27 -0.59 -13.76
C ILE A 107 -0.91 -0.31 -15.12
N CYS A 108 -2.24 -0.42 -15.15
CA CYS A 108 -3.03 -0.02 -16.31
C CYS A 108 -3.01 1.50 -16.42
N LYS A 109 -2.71 2.01 -17.61
CA LYS A 109 -2.59 3.46 -17.77
C LYS A 109 -3.95 4.16 -17.96
N ASN A 110 -5.02 3.37 -18.04
CA ASN A 110 -6.39 3.91 -18.11
C ASN A 110 -7.24 3.36 -16.96
N GLN A 111 -6.61 3.26 -15.79
CA GLN A 111 -7.27 2.77 -14.60
C GLN A 111 -8.21 3.86 -14.05
N ILE A 112 -9.32 3.42 -13.43
CA ILE A 112 -10.24 4.30 -12.71
C ILE A 112 -10.01 4.00 -11.24
N ILE A 113 -9.81 5.02 -10.39
CA ILE A 113 -9.49 4.79 -9.00
C ILE A 113 -10.46 5.56 -8.09
N PRO A 114 -11.24 4.84 -7.27
CA PRO A 114 -12.16 5.57 -6.41
C PRO A 114 -11.32 6.37 -5.44
N GLY A 115 -11.62 7.64 -5.30
CA GLY A 115 -10.87 8.51 -4.39
C GLY A 115 -9.66 9.20 -5.01
N GLN A 116 -9.20 8.72 -6.17
CA GLN A 116 -8.10 9.37 -6.89
C GLN A 116 -8.55 9.91 -8.27
N THR A 117 -9.41 9.17 -8.98
CA THR A 117 -9.97 9.61 -10.29
C THR A 117 -11.50 9.60 -10.40
N THR A 118 -12.20 9.05 -9.41
CA THR A 118 -13.66 9.04 -9.39
C THR A 118 -14.01 9.03 -7.92
N ASN A 119 -15.30 9.12 -7.59
CA ASN A 119 -15.68 9.29 -6.17
C ASN A 119 -15.32 8.09 -5.28
N GLY A 120 -14.78 8.38 -4.10
CA GLY A 120 -14.25 7.37 -3.21
C GLY A 120 -14.97 7.27 -1.88
N GLY A 121 -14.20 6.97 -0.84
CA GLY A 121 -14.72 6.39 0.36
C GLY A 121 -15.02 7.32 1.53
N PHE A 122 -14.56 8.57 1.47
CA PHE A 122 -14.90 9.57 2.50
C PHE A 122 -16.36 10.01 2.32
N SER A 123 -17.26 9.05 2.51
CA SER A 123 -18.66 9.15 2.13
C SER A 123 -19.43 7.97 2.73
N GLU A 124 -20.71 8.18 3.05
CA GLU A 124 -21.52 7.08 3.62
C GLU A 124 -21.65 5.90 2.67
N TYR A 125 -21.92 6.19 1.40
CA TYR A 125 -22.07 5.15 0.39
C TYR A 125 -21.06 5.37 -0.74
N MET A 126 -20.70 4.30 -1.45
CA MET A 126 -19.78 4.38 -2.57
C MET A 126 -20.14 3.36 -3.63
N LEU A 127 -20.12 3.79 -4.89
CA LEU A 127 -20.38 2.90 -6.01
C LEU A 127 -19.08 2.23 -6.40
N VAL A 128 -19.15 0.95 -6.69
CA VAL A 128 -18.00 0.15 -7.09
C VAL A 128 -18.36 -0.36 -8.49
N LYS A 129 -17.49 -0.13 -9.46
CA LYS A 129 -17.81 -0.33 -10.88
C LYS A 129 -18.21 -1.76 -11.21
N SER A 130 -17.60 -2.71 -10.50
CA SER A 130 -17.89 -4.12 -10.70
C SER A 130 -17.61 -4.87 -9.42
N SER A 131 -18.39 -5.91 -9.18
CA SER A 131 -18.15 -6.82 -8.08
C SER A 131 -16.80 -7.52 -8.16
N ARG A 132 -16.17 -7.51 -9.34
CA ARG A 132 -14.87 -8.13 -9.56
CA ARG A 132 -14.88 -8.17 -9.51
C ARG A 132 -13.78 -7.43 -8.75
N TRP A 133 -14.07 -6.23 -8.28
CA TRP A 133 -13.08 -5.49 -7.49
C TRP A 133 -13.24 -5.68 -5.98
N LEU A 134 -14.15 -6.57 -5.58
CA LEU A 134 -14.47 -6.74 -4.15
C LEU A 134 -13.86 -8.05 -3.63
N VAL A 135 -13.18 -7.98 -2.50
CA VAL A 135 -12.63 -9.15 -1.83
C VAL A 135 -13.40 -9.33 -0.53
N LYS A 136 -13.90 -10.54 -0.30
CA LYS A 136 -14.74 -10.82 0.86
C LYS A 136 -13.94 -10.77 2.18
N LEU A 137 -14.57 -10.19 3.19
CA LEU A 137 -14.07 -10.25 4.55
C LEU A 137 -14.92 -11.31 5.23
N ASN A 138 -14.29 -12.41 5.60
CA ASN A 138 -14.96 -13.50 6.29
C ASN A 138 -15.19 -13.21 7.77
N SER A 139 -14.25 -12.50 8.41
CA SER A 139 -14.39 -12.16 9.84
C SER A 139 -13.82 -10.80 10.28
N LEU A 140 -12.91 -10.24 9.50
CA LEU A 140 -12.30 -8.93 9.81
C LEU A 140 -13.34 -7.81 9.64
N SER A 141 -13.36 -6.83 10.54
CA SER A 141 -14.30 -5.70 10.41
C SER A 141 -13.89 -4.79 9.24
N PRO A 142 -14.87 -4.19 8.54
CA PRO A 142 -14.51 -3.19 7.54
C PRO A 142 -13.59 -2.06 8.06
N VAL A 143 -13.79 -1.62 9.30
CA VAL A 143 -12.94 -0.54 9.85
C VAL A 143 -11.47 -0.99 9.93
N GLU A 144 -11.24 -2.19 10.47
CA GLU A 144 -9.88 -2.70 10.63
C GLU A 144 -9.30 -3.13 9.29
N ALA A 145 -10.17 -3.53 8.37
CA ALA A 145 -9.75 -4.03 7.08
C ALA A 145 -9.40 -2.93 6.08
N ALA A 146 -9.93 -1.72 6.27
CA ALA A 146 -9.82 -0.65 5.28
C ALA A 146 -8.38 -0.40 4.78
N PRO A 147 -7.38 -0.30 5.70
CA PRO A 147 -5.99 -0.08 5.25
C PRO A 147 -5.38 -1.15 4.36
N LEU A 148 -5.95 -2.36 4.41
CA LEU A 148 -5.50 -3.44 3.52
C LEU A 148 -5.73 -3.09 2.06
N ALA A 149 -6.78 -2.29 1.79
CA ALA A 149 -7.10 -1.88 0.43
C ALA A 149 -6.00 -1.02 -0.22
N ASP A 150 -5.06 -0.51 0.57
CA ASP A 150 -3.93 0.23 -0.02
C ASP A 150 -2.59 -0.03 0.65
N ALA A 151 -2.39 0.46 1.87
CA ALA A 151 -1.15 0.17 2.62
C ALA A 151 -0.81 -1.32 2.64
N GLY A 152 -1.81 -2.15 2.92
CA GLY A 152 -1.60 -3.60 2.99
C GLY A 152 -1.23 -4.23 1.65
N THR A 153 -2.06 -3.99 0.65
CA THR A 153 -1.82 -4.53 -0.68
C THR A 153 -0.48 -4.02 -1.29
N THR A 154 -0.20 -2.73 -1.13
CA THR A 154 1.04 -2.15 -1.62
C THR A 154 2.23 -2.80 -0.93
N SER A 155 2.13 -3.02 0.38
CA SER A 155 3.23 -3.68 1.11
C SER A 155 3.44 -5.06 0.54
N MET A 156 2.36 -5.80 0.36
CA MET A 156 2.44 -7.17 -0.18
C MET A 156 3.09 -7.19 -1.57
N GLY A 157 2.65 -6.30 -2.45
CA GLY A 157 3.19 -6.26 -3.81
C GLY A 157 4.68 -5.99 -3.81
N ALA A 158 5.11 -5.13 -2.88
CA ALA A 158 6.52 -4.73 -2.76
C ALA A 158 7.32 -5.91 -2.23
N ILE A 159 6.78 -6.58 -1.21
CA ILE A 159 7.46 -7.74 -0.64
C ILE A 159 7.61 -8.87 -1.69
N ARG A 160 6.57 -9.06 -2.50
CA ARG A 160 6.63 -10.09 -3.51
C ARG A 160 7.74 -9.85 -4.52
N GLN A 161 7.98 -8.59 -4.90
CA GLN A 161 9.13 -8.27 -5.71
C GLN A 161 10.45 -8.55 -5.01
N ALA A 162 10.47 -8.34 -3.69
CA ALA A 162 11.67 -8.55 -2.89
C ALA A 162 12.05 -10.02 -2.68
N LEU A 163 11.06 -10.92 -2.65
CA LEU A 163 11.27 -12.28 -2.15
C LEU A 163 12.46 -13.02 -2.74
N PRO A 164 12.62 -13.00 -4.08
CA PRO A 164 13.76 -13.77 -4.64
C PRO A 164 15.11 -13.24 -4.21
N PHE A 165 15.16 -11.95 -3.90
CA PHE A 165 16.39 -11.33 -3.39
C PHE A 165 16.67 -11.68 -1.95
N ILE A 166 15.61 -12.00 -1.19
CA ILE A 166 15.73 -12.31 0.24
C ILE A 166 16.07 -13.79 0.41
N SER A 167 15.40 -14.60 -0.39
CA SER A 167 15.51 -16.06 -0.38
C SER A 167 16.86 -16.62 -0.81
N LYS A 168 17.70 -15.78 -1.43
CA LYS A 168 19.06 -16.13 -1.83
C LYS A 168 19.98 -16.37 -0.64
N PHE A 169 19.61 -15.81 0.52
CA PHE A 169 20.43 -15.86 1.73
C PHE A 169 19.77 -16.64 2.88
N ALA A 170 20.58 -17.20 3.76
CA ALA A 170 20.11 -17.93 4.95
C ALA A 170 19.67 -16.95 6.05
N GLU A 171 20.39 -15.83 6.18
CA GLU A 171 20.13 -14.81 7.23
C GLU A 171 20.14 -13.39 6.65
N PRO A 172 19.21 -13.06 5.76
CA PRO A 172 19.23 -11.80 5.04
C PRO A 172 18.83 -10.64 5.94
N VAL A 173 19.50 -9.49 5.79
CA VAL A 173 19.04 -8.23 6.32
C VAL A 173 18.16 -7.58 5.26
N VAL A 174 17.00 -7.13 5.69
CA VAL A 174 16.07 -6.39 4.86
C VAL A 174 15.90 -5.03 5.51
N ILE A 175 16.15 -3.99 4.72
CA ILE A 175 15.94 -2.62 5.22
C ILE A 175 14.52 -2.16 4.89
N VAL A 176 13.86 -1.56 5.88
CA VAL A 176 12.58 -0.88 5.65
C VAL A 176 12.78 0.60 6.00
N ASN A 177 12.72 1.44 4.97
CA ASN A 177 12.99 2.87 5.13
C ASN A 177 11.72 3.69 5.13
N GLY A 178 11.51 4.43 6.20
CA GLY A 178 10.28 5.23 6.38
C GLY A 178 9.31 4.38 7.16
N ILE A 179 9.03 4.80 8.40
CA ILE A 179 8.15 4.09 9.32
C ILE A 179 6.83 4.84 9.55
N GLY A 180 5.89 4.63 8.63
CA GLY A 180 4.55 5.20 8.71
C GLY A 180 3.50 4.12 8.43
N GLY A 181 2.41 4.50 7.78
CA GLY A 181 1.31 3.57 7.49
C GLY A 181 1.77 2.32 6.74
N LEU A 182 2.55 2.52 5.68
CA LEU A 182 3.05 1.39 4.88
CA LEU A 182 3.04 1.38 4.89
C LEU A 182 3.93 0.45 5.71
N ALA A 183 4.77 1.01 6.58
CA ALA A 183 5.67 0.20 7.41
C ALA A 183 4.88 -0.72 8.37
N VAL A 184 3.70 -0.28 8.78
CA VAL A 184 2.85 -1.11 9.63
C VAL A 184 2.69 -2.48 8.97
N TYR A 185 2.35 -2.48 7.70
CA TYR A 185 2.10 -3.72 6.98
C TYR A 185 3.38 -4.35 6.43
N THR A 186 4.31 -3.53 5.93
CA THR A 186 5.55 -4.08 5.35
C THR A 186 6.29 -4.87 6.41
N ILE A 187 6.48 -4.31 7.60
CA ILE A 187 7.24 -5.00 8.66
C ILE A 187 6.52 -6.27 9.10
N GLN A 188 5.22 -6.18 9.33
CA GLN A 188 4.47 -7.34 9.84
C GLN A 188 4.33 -8.45 8.83
N ILE A 189 4.13 -8.08 7.56
CA ILE A 189 4.06 -9.08 6.53
C ILE A 189 5.39 -9.83 6.36
N LEU A 190 6.50 -9.11 6.35
CA LEU A 190 7.80 -9.76 6.27
C LEU A 190 7.99 -10.77 7.38
N LYS A 191 7.64 -10.39 8.60
CA LYS A 191 7.85 -11.29 9.74
C LYS A 191 6.85 -12.44 9.72
N ALA A 192 5.66 -12.22 9.17
CA ALA A 192 4.67 -13.29 9.02
C ALA A 192 5.11 -14.40 8.06
N LEU A 193 5.87 -14.03 7.03
CA LEU A 193 6.24 -14.94 5.96
C LEU A 193 7.62 -15.56 6.17
N MET A 194 8.55 -14.75 6.65
CA MET A 194 9.98 -15.10 6.66
C MET A 194 10.48 -15.19 8.10
N LYS A 195 10.79 -16.40 8.52
CA LYS A 195 11.14 -16.66 9.90
C LYS A 195 12.57 -16.25 10.23
N ASN A 196 13.44 -16.24 9.22
CA ASN A 196 14.88 -16.02 9.54
CA ASN A 196 14.89 -16.11 9.31
C ASN A 196 15.44 -14.72 9.00
N ILE A 197 14.58 -13.72 8.89
CA ILE A 197 14.93 -12.42 8.35
C ILE A 197 15.34 -11.47 9.47
N THR A 198 16.25 -10.56 9.16
CA THR A 198 16.60 -9.49 10.07
C THR A 198 16.14 -8.20 9.43
N ILE A 199 15.17 -7.56 10.07
CA ILE A 199 14.65 -6.30 9.56
C ILE A 199 15.32 -5.10 10.23
N VAL A 200 15.87 -4.19 9.42
CA VAL A 200 16.40 -2.93 9.93
C VAL A 200 15.50 -1.76 9.51
N GLY A 201 14.94 -1.06 10.48
CA GLY A 201 14.06 0.09 10.23
C GLY A 201 14.88 1.36 10.24
N ILE A 202 14.70 2.19 9.22
CA ILE A 202 15.42 3.46 9.14
C ILE A 202 14.41 4.61 9.13
N SER A 203 14.61 5.57 10.04
CA SER A 203 13.86 6.83 10.04
C SER A 203 14.65 7.89 10.77
N ARG A 204 14.36 9.16 10.48
CA ARG A 204 15.05 10.27 11.17
C ARG A 204 14.42 10.56 12.54
N SER A 205 13.24 10.00 12.79
CA SER A 205 12.50 10.26 14.01
C SER A 205 12.70 9.13 14.99
N LYS A 206 13.13 9.45 16.22
CA LYS A 206 13.31 8.44 17.26
C LYS A 206 11.96 7.77 17.57
N LYS A 207 10.89 8.55 17.58
CA LYS A 207 9.56 8.04 17.82
C LYS A 207 9.19 6.97 16.80
N HIS A 208 9.49 7.24 15.55
CA HIS A 208 9.18 6.31 14.46
C HIS A 208 10.05 5.07 14.54
N ARG A 209 11.31 5.23 14.92
CA ARG A 209 12.19 4.10 15.11
C ARG A 209 11.69 3.19 16.26
N ASP A 210 11.27 3.79 17.37
CA ASP A 210 10.65 3.01 18.43
C ASP A 210 9.44 2.24 17.91
N PHE A 211 8.62 2.90 17.11
CA PHE A 211 7.43 2.26 16.57
C PHE A 211 7.81 1.10 15.65
N ALA A 212 8.88 1.26 14.87
CA ALA A 212 9.34 0.15 14.03
C ALA A 212 9.72 -1.08 14.87
N LEU A 213 10.37 -0.86 16.02
CA LEU A 213 10.68 -1.97 16.91
C LEU A 213 9.39 -2.66 17.39
N GLU A 214 8.39 -1.87 17.76
CA GLU A 214 7.10 -2.39 18.22
C GLU A 214 6.42 -3.22 17.14
N LEU A 215 6.57 -2.80 15.88
CA LEU A 215 5.97 -3.50 14.75
C LEU A 215 6.71 -4.80 14.40
N GLY A 216 7.97 -4.91 14.83
CA GLY A 216 8.72 -6.16 14.67
C GLY A 216 10.10 -6.03 14.04
N ALA A 217 10.55 -4.81 13.76
CA ALA A 217 11.93 -4.58 13.32
C ALA A 217 12.88 -5.13 14.38
N ASP A 218 13.97 -5.74 13.93
CA ASP A 218 14.99 -6.29 14.84
C ASP A 218 15.96 -5.22 15.33
N TYR A 219 16.28 -4.27 14.45
CA TYR A 219 17.15 -3.12 14.72
C TYR A 219 16.59 -1.90 14.03
N VAL A 220 16.94 -0.73 14.56
CA VAL A 220 16.59 0.54 13.97
C VAL A 220 17.79 1.46 13.93
N SER A 221 17.77 2.42 13.00
CA SER A 221 18.94 3.28 12.80
C SER A 221 18.56 4.56 12.06
N GLU A 222 19.31 5.63 12.32
CA GLU A 222 19.35 6.78 11.42
C GLU A 222 20.06 6.33 10.16
N MET A 223 19.78 6.96 9.01
CA MET A 223 20.43 6.56 7.76
C MET A 223 21.97 6.66 7.85
N LYS A 224 22.46 7.73 8.46
CA LYS A 224 23.93 7.93 8.55
C LYS A 224 24.68 6.85 9.32
N ASP A 225 23.98 6.18 10.25
CA ASP A 225 24.59 5.14 11.09
C ASP A 225 24.35 3.74 10.52
N ALA A 226 23.59 3.64 9.44
CA ALA A 226 23.12 2.34 8.96
C ALA A 226 24.25 1.47 8.42
N GLU A 227 25.21 2.07 7.71
CA GLU A 227 26.32 1.28 7.16
C GLU A 227 27.10 0.51 8.23
N SER A 228 27.47 1.18 9.32
CA SER A 228 28.26 0.56 10.38
C SER A 228 27.48 -0.59 11.06
N LEU A 229 26.18 -0.39 11.26
CA LEU A 229 25.32 -1.45 11.77
C LEU A 229 25.23 -2.63 10.80
N ILE A 230 24.88 -2.34 9.56
CA ILE A 230 24.68 -3.42 8.60
C ILE A 230 25.96 -4.19 8.33
N ASN A 231 27.08 -3.48 8.28
CA ASN A 231 28.39 -4.13 8.20
C ASN A 231 28.59 -5.15 9.31
N LYS A 232 28.23 -4.76 10.55
CA LYS A 232 28.39 -5.64 11.70
C LYS A 232 27.43 -6.83 11.64
N LEU A 233 26.20 -6.58 11.20
CA LEU A 233 25.16 -7.60 11.15
C LEU A 233 25.42 -8.63 10.05
N THR A 234 26.11 -8.21 8.99
CA THR A 234 26.30 -9.05 7.81
C THR A 234 27.76 -9.41 7.48
N ASP A 235 28.69 -9.15 8.40
N ASP A 235 28.70 -9.19 8.40
CA ASP A 235 30.12 -9.33 8.17
CA ASP A 235 30.13 -9.39 8.13
C ASP A 235 30.56 -8.67 6.85
C ASP A 235 30.57 -8.68 6.84
N GLY A 236 30.07 -7.46 6.65
CA GLY A 236 30.43 -6.65 5.51
C GLY A 236 29.73 -6.97 4.21
N LEU A 237 28.81 -7.94 4.21
CA LEU A 237 28.16 -8.34 2.96
C LEU A 237 27.24 -7.24 2.44
N GLY A 238 26.47 -6.65 3.36
CA GLY A 238 25.43 -5.70 3.01
C GLY A 238 24.02 -6.29 3.07
N ALA A 239 23.03 -5.42 2.85
CA ALA A 239 21.62 -5.77 2.94
C ALA A 239 21.17 -6.47 1.66
N SER A 240 20.22 -7.39 1.76
N SER A 240 20.21 -7.39 1.75
CA SER A 240 19.67 -8.09 0.59
CA SER A 240 19.68 -8.07 0.56
C SER A 240 18.72 -7.21 -0.22
C SER A 240 18.73 -7.18 -0.23
N ILE A 241 17.94 -6.41 0.51
CA ILE A 241 16.87 -5.59 -0.04
C ILE A 241 16.70 -4.38 0.82
N ALA A 242 16.31 -3.28 0.17
CA ALA A 242 15.80 -2.10 0.90
C ALA A 242 14.45 -1.74 0.29
N ILE A 243 13.42 -1.75 1.13
CA ILE A 243 12.10 -1.30 0.73
C ILE A 243 12.00 0.18 1.10
N ASP A 244 11.95 1.04 0.09
CA ASP A 244 11.93 2.50 0.30
C ASP A 244 10.50 3.02 0.26
N LEU A 245 9.99 3.27 1.45
CA LEU A 245 8.64 3.82 1.64
C LEU A 245 8.62 5.35 1.61
N VAL A 246 9.78 5.99 1.39
CA VAL A 246 9.87 7.47 1.33
C VAL A 246 10.11 7.94 -0.10
N GLY A 247 11.23 7.54 -0.67
CA GLY A 247 11.49 7.72 -2.07
C GLY A 247 11.89 9.12 -2.49
N THR A 248 13.01 9.60 -1.96
CA THR A 248 13.58 10.86 -2.41
C THR A 248 14.94 10.62 -3.02
N GLU A 249 15.50 11.69 -3.59
CA GLU A 249 16.82 11.69 -4.19
CA GLU A 249 16.84 11.63 -4.19
C GLU A 249 17.84 11.12 -3.18
N GLU A 250 17.73 11.56 -1.93
CA GLU A 250 18.70 11.14 -0.90
C GLU A 250 18.45 9.73 -0.33
N THR A 251 17.19 9.32 -0.17
CA THR A 251 16.91 8.00 0.39
C THR A 251 17.41 6.89 -0.51
N THR A 252 17.12 6.94 -1.80
CA THR A 252 17.55 5.86 -2.70
C THR A 252 19.07 5.84 -2.85
N TYR A 253 19.67 7.02 -3.02
CA TYR A 253 21.12 7.11 -3.09
C TYR A 253 21.79 6.39 -1.90
N ASN A 254 21.34 6.71 -0.70
CA ASN A 254 21.94 6.16 0.51
C ASN A 254 21.65 4.67 0.71
N LEU A 255 20.41 4.27 0.42
CA LEU A 255 20.00 2.87 0.50
C LEU A 255 20.77 1.98 -0.46
N GLY A 256 20.97 2.46 -1.68
CA GLY A 256 21.68 1.69 -2.71
C GLY A 256 23.04 1.24 -2.21
N LYS A 257 23.74 2.15 -1.56
CA LYS A 257 25.07 1.86 -1.05
C LYS A 257 25.11 0.80 0.05
N LEU A 258 24.01 0.61 0.77
CA LEU A 258 23.94 -0.38 1.86
C LEU A 258 23.72 -1.80 1.35
N LEU A 259 23.35 -1.93 0.08
CA LEU A 259 23.00 -3.22 -0.49
C LEU A 259 24.23 -4.04 -0.79
N ALA A 260 24.08 -5.36 -0.65
CA ALA A 260 25.02 -6.33 -1.15
C ALA A 260 24.99 -6.27 -2.68
N GLN A 261 26.03 -6.77 -3.32
CA GLN A 261 26.01 -6.96 -4.77
C GLN A 261 24.74 -7.72 -5.18
N GLU A 262 24.18 -7.30 -6.32
CA GLU A 262 22.92 -7.80 -6.90
C GLU A 262 21.65 -7.40 -6.17
N GLY A 263 21.77 -6.75 -5.01
CA GLY A 263 20.63 -6.41 -4.19
C GLY A 263 19.79 -5.32 -4.83
N ALA A 264 18.60 -5.12 -4.28
CA ALA A 264 17.63 -4.22 -4.88
C ALA A 264 17.00 -3.30 -3.87
N ILE A 265 16.74 -2.07 -4.33
CA ILE A 265 15.74 -1.19 -3.72
C ILE A 265 14.39 -1.46 -4.38
N ILE A 266 13.38 -1.66 -3.54
CA ILE A 266 11.98 -1.67 -3.99
C ILE A 266 11.44 -0.27 -3.67
N LEU A 267 11.19 0.49 -4.74
CA LEU A 267 10.74 1.86 -4.63
C LEU A 267 9.22 1.93 -4.58
N VAL A 268 8.73 2.21 -3.39
CA VAL A 268 7.30 2.36 -3.14
C VAL A 268 6.90 3.82 -2.95
N GLY A 269 7.68 4.52 -2.12
CA GLY A 269 7.46 5.93 -1.86
C GLY A 269 7.87 6.78 -3.06
N MET A 270 7.25 7.95 -3.19
CA MET A 270 7.66 8.90 -4.22
CA MET A 270 7.69 8.91 -4.21
C MET A 270 7.47 10.32 -3.71
N GLU A 271 8.01 10.58 -2.51
CA GLU A 271 7.91 11.90 -1.89
C GLU A 271 8.77 12.93 -2.60
N GLY A 272 9.89 12.49 -3.18
CA GLY A 272 10.72 13.36 -4.00
C GLY A 272 10.30 13.42 -5.45
N LYS A 273 10.80 14.42 -6.18
CA LYS A 273 10.53 14.52 -7.62
C LYS A 273 11.28 13.42 -8.36
N ARG A 274 12.52 13.21 -7.95
CA ARG A 274 13.38 12.24 -8.55
C ARG A 274 13.96 11.33 -7.49
N VAL A 275 14.45 10.19 -7.94
CA VAL A 275 15.31 9.35 -7.15
C VAL A 275 16.69 9.36 -7.81
N SER A 276 17.72 8.99 -7.06
CA SER A 276 19.06 9.02 -7.58
C SER A 276 19.89 7.89 -6.99
N LEU A 277 20.89 7.48 -7.75
CA LEU A 277 21.80 6.42 -7.36
C LEU A 277 23.18 6.77 -7.86
N GLU A 278 24.19 6.39 -7.09
CA GLU A 278 25.56 6.47 -7.56
C GLU A 278 25.76 5.52 -8.73
N ALA A 279 26.27 6.05 -9.84
CA ALA A 279 26.46 5.28 -11.05
C ALA A 279 27.46 4.13 -10.84
N PHE A 280 28.61 4.42 -10.23
CA PHE A 280 29.62 3.39 -9.99
C PHE A 280 29.10 2.25 -9.10
N ASP A 281 28.59 2.58 -7.91
CA ASP A 281 28.09 1.55 -7.00
C ASP A 281 27.01 0.67 -7.65
N THR A 282 26.16 1.27 -8.47
CA THR A 282 25.02 0.56 -9.04
C THR A 282 25.45 -0.33 -10.19
N ALA A 283 26.21 0.23 -11.14
CA ALA A 283 26.65 -0.50 -12.32
C ALA A 283 27.67 -1.57 -11.96
N VAL A 284 28.68 -1.21 -11.16
CA VAL A 284 29.79 -2.11 -10.89
C VAL A 284 29.38 -3.35 -10.07
N TRP A 285 28.38 -3.19 -9.19
CA TRP A 285 27.95 -4.27 -8.29
C TRP A 285 26.57 -4.86 -8.68
N ASN A 286 26.08 -4.52 -9.88
CA ASN A 286 24.82 -5.09 -10.38
C ASN A 286 23.65 -4.84 -9.44
N LYS A 287 23.61 -3.66 -8.84
CA LYS A 287 22.48 -3.35 -8.00
C LYS A 287 21.29 -2.87 -8.83
N LYS A 288 20.12 -2.85 -8.19
CA LYS A 288 18.86 -2.68 -8.90
C LYS A 288 17.94 -1.72 -8.17
N LEU A 289 17.08 -1.07 -8.92
CA LEU A 289 15.94 -0.35 -8.34
C LEU A 289 14.69 -0.78 -9.11
N LEU A 290 13.69 -1.25 -8.37
CA LEU A 290 12.46 -1.82 -8.90
C LEU A 290 11.27 -1.02 -8.35
N GLY A 291 10.56 -0.33 -9.23
CA GLY A 291 9.35 0.41 -8.90
C GLY A 291 8.24 -0.53 -8.48
N SER A 292 7.46 -0.15 -7.48
CA SER A 292 6.32 -0.96 -7.05
C SER A 292 5.10 -0.08 -6.74
N ASN A 293 4.04 -0.29 -7.53
CA ASN A 293 2.75 0.37 -7.35
C ASN A 293 1.68 -0.65 -6.98
N TYR A 294 1.16 -0.52 -5.76
CA TYR A 294 0.02 -1.33 -5.31
C TYR A 294 0.29 -2.83 -5.46
N GLY A 295 -0.71 -3.64 -5.83
CA GLY A 295 -0.49 -5.07 -6.01
C GLY A 295 -1.64 -5.66 -6.79
N SER A 296 -1.70 -6.99 -6.81
CA SER A 296 -2.75 -7.74 -7.52
C SER A 296 -3.92 -8.01 -6.61
N LEU A 297 -5.02 -8.52 -7.19
CA LEU A 297 -6.15 -8.95 -6.39
C LEU A 297 -5.77 -10.09 -5.45
N ASN A 298 -4.83 -10.92 -5.88
CA ASN A 298 -4.34 -11.99 -5.04
C ASN A 298 -3.57 -11.45 -3.82
N ASP A 299 -2.83 -10.36 -4.04
CA ASP A 299 -2.14 -9.66 -2.95
C ASP A 299 -3.13 -9.16 -1.90
N LEU A 300 -4.25 -8.59 -2.32
CA LEU A 300 -5.29 -8.14 -1.40
C LEU A 300 -5.93 -9.31 -0.68
N GLU A 301 -6.27 -10.36 -1.42
CA GLU A 301 -6.77 -11.58 -0.80
CA GLU A 301 -6.79 -11.59 -0.80
C GLU A 301 -5.82 -12.08 0.29
N ASP A 302 -4.54 -12.09 -0.04
CA ASP A 302 -3.51 -12.59 0.85
C ASP A 302 -3.36 -11.82 2.14
N VAL A 303 -3.40 -10.49 2.06
CA VAL A 303 -3.27 -9.69 3.30
C VAL A 303 -4.55 -9.78 4.16
N VAL A 304 -5.71 -9.92 3.51
CA VAL A 304 -6.94 -10.21 4.25
C VAL A 304 -6.80 -11.53 5.04
N ARG A 305 -6.28 -12.56 4.37
CA ARG A 305 -6.14 -13.88 4.99
CA ARG A 305 -6.09 -13.89 4.96
C ARG A 305 -5.14 -13.85 6.16
N LEU A 306 -3.99 -13.24 5.95
CA LEU A 306 -3.01 -13.05 7.02
C LEU A 306 -3.61 -12.32 8.24
N SER A 307 -4.45 -11.33 7.97
CA SER A 307 -5.09 -10.54 9.01
C SER A 307 -6.12 -11.36 9.75
N GLU A 308 -6.91 -12.12 9.00
CA GLU A 308 -7.96 -12.90 9.61
C GLU A 308 -7.45 -14.10 10.40
N SER A 309 -6.25 -14.57 10.04
CA SER A 309 -5.57 -15.69 10.72
CA SER A 309 -5.66 -15.69 10.79
C SER A 309 -4.72 -15.21 11.91
N GLY A 310 -4.74 -13.91 12.16
CA GLY A 310 -4.06 -13.32 13.30
C GLY A 310 -2.58 -13.01 13.12
N LYS A 311 -2.08 -13.10 11.88
CA LYS A 311 -0.63 -12.95 11.62
C LYS A 311 -0.19 -11.50 11.44
N ILE A 312 -1.14 -10.63 11.09
CA ILE A 312 -0.94 -9.18 11.02
C ILE A 312 -1.92 -8.56 11.99
N LYS A 313 -1.49 -7.53 12.70
CA LYS A 313 -2.34 -6.77 13.59
C LYS A 313 -2.51 -5.36 13.03
N PRO A 314 -3.75 -4.83 13.08
CA PRO A 314 -3.96 -3.46 12.61
C PRO A 314 -3.53 -2.47 13.67
N TYR A 315 -2.92 -1.37 13.24
CA TYR A 315 -2.67 -0.23 14.12
C TYR A 315 -3.45 0.90 13.50
N ILE A 316 -4.66 1.11 14.02
CA ILE A 316 -5.58 2.02 13.38
C ILE A 316 -6.05 3.09 14.33
N ILE A 317 -6.33 4.26 13.78
CA ILE A 317 -6.87 5.34 14.56
C ILE A 317 -8.18 5.73 13.92
N LYS A 318 -9.27 5.56 14.65
CA LYS A 318 -10.61 5.82 14.13
C LYS A 318 -10.90 7.31 14.20
N VAL A 319 -11.41 7.85 13.09
CA VAL A 319 -11.60 9.28 12.92
C VAL A 319 -12.99 9.46 12.32
N PRO A 320 -13.89 10.13 13.04
CA PRO A 320 -15.34 10.06 12.83
C PRO A 320 -15.96 10.75 11.59
N LEU A 321 -15.15 11.35 10.72
CA LEU A 321 -15.58 11.97 9.45
C LEU A 321 -15.59 13.50 9.59
N GLY A 338 0.96 4.50 12.90
CA GLY A 338 -0.17 3.65 12.51
C GLY A 338 -0.91 4.19 11.31
N ARG A 339 -2.18 3.81 11.18
CA ARG A 339 -3.05 4.25 10.10
C ARG A 339 -4.34 4.87 10.63
N GLN A 340 -4.69 6.05 10.13
CA GLN A 340 -6.02 6.63 10.40
C GLN A 340 -7.12 6.08 9.49
N VAL A 341 -8.31 5.90 10.04
CA VAL A 341 -9.48 5.40 9.30
C VAL A 341 -10.72 6.23 9.59
N ILE A 342 -11.32 6.76 8.54
CA ILE A 342 -12.59 7.49 8.60
C ILE A 342 -13.80 6.54 8.72
N THR A 343 -14.62 6.74 9.76
CA THR A 343 -15.74 5.85 10.02
C THR A 343 -16.95 6.73 10.19
N PRO A 344 -17.57 7.09 9.07
CA PRO A 344 -18.15 6.10 8.17
C PRO A 344 -17.50 6.14 6.79
#